data_9FBE
#
_entry.id   9FBE
#
_cell.length_a   76.348
_cell.length_b   80.926
_cell.length_c   103.930
_cell.angle_alpha   90.000
_cell.angle_beta   90.000
_cell.angle_gamma   90.000
#
_symmetry.space_group_name_H-M   'P 21 21 21'
#
loop_
_entity.id
_entity.type
_entity.pdbx_description
1 polymer 'Probable secreted glycosyl hydrolase'
2 non-polymer 2-hydroxy-3-keto-glucal
3 non-polymer 1,2-ETHANEDIOL
4 non-polymer 'CALCIUM ION'
5 non-polymer alpha-D-glucopyranose
6 water water
#
_entity_poly.entity_id   1
_entity_poly.type   'polypeptide(L)'
_entity_poly.pdbx_seq_one_letter_code
;MGSAQEEQSANEVAVSYSKSLKAAEMDSLQLPVDADGYITIFDGKTFNGWRGYGKDRVPSKWTIEDGCIKFNGSGGGEAQ
DGDGGDLIFAHKFKNFELEMEWKVSKGGNSGIFYLAQEVTSKDKDGNDVLEPIYISAPEYQVLDNDNHPDAKLGKDNNRQ
SASLYDMIPAVPQNAKPFGEWNKAKIMVYKGTVVHGQNDENVLEYHLWTKQWTDLLQASKFSQDKWPLAFELLNNCGGEN
HEGFIGMQDNGDDVWFRNIRVKVLDAAALEHHHHH
;
_entity_poly.pdbx_strand_id   B,A
#
loop_
_chem_comp.id
_chem_comp.type
_chem_comp.name
_chem_comp.formula
A1IBU non-polymer 2-hydroxy-3-keto-glucal 'C6 H8 O5'
CA non-polymer 'CALCIUM ION' 'Ca 2'
EDO non-polymer 1,2-ETHANEDIOL 'C2 H6 O2'
GLC D-saccharide, alpha linking alpha-D-glucopyranose 'C6 H12 O6'
#
# COMPACT_ATOMS: atom_id res chain seq x y z
N ASN A 11 6.92 15.03 -25.81
CA ASN A 11 7.63 13.94 -26.46
C ASN A 11 8.71 13.38 -25.53
N GLU A 12 9.35 14.25 -24.75
CA GLU A 12 10.56 13.92 -23.99
C GLU A 12 10.51 14.63 -22.65
N VAL A 13 11.20 14.08 -21.66
CA VAL A 13 11.23 14.66 -20.32
C VAL A 13 12.65 14.51 -19.78
N ALA A 14 13.06 15.46 -18.96
CA ALA A 14 14.40 15.46 -18.37
C ALA A 14 14.40 14.57 -17.13
N VAL A 15 15.31 13.60 -17.07
CA VAL A 15 15.36 12.63 -15.99
C VAL A 15 16.78 12.68 -15.40
N SER A 16 16.88 13.01 -14.12
CA SER A 16 18.20 13.19 -13.47
C SER A 16 18.77 11.84 -13.11
N TYR A 17 20.11 11.75 -13.10
CA TYR A 17 20.72 10.44 -12.79
C TYR A 17 22.07 10.67 -12.11
N SER A 18 22.47 9.72 -11.28
CA SER A 18 23.75 9.82 -10.59
C SER A 18 24.78 8.94 -11.30
N LYS A 19 26.06 9.33 -11.16
CA LYS A 19 27.14 8.68 -11.91
C LYS A 19 28.01 7.73 -11.09
N SER A 20 27.95 7.79 -9.77
CA SER A 20 28.88 7.01 -8.96
C SER A 20 28.22 6.78 -7.62
N LEU A 21 28.91 6.01 -6.77
CA LEU A 21 28.34 5.57 -5.50
C LEU A 21 27.82 6.73 -4.66
N LYS A 22 26.52 6.73 -4.38
CA LYS A 22 25.88 7.70 -3.49
C LYS A 22 25.97 9.15 -3.97
N ALA A 23 26.31 9.38 -5.24
CA ALA A 23 26.42 10.76 -5.71
C ALA A 23 25.04 11.37 -5.94
N ALA A 24 24.99 12.70 -5.92
CA ALA A 24 23.80 13.46 -6.28
C ALA A 24 23.49 13.25 -7.75
N GLU A 25 22.21 13.43 -8.09
CA GLU A 25 21.75 13.30 -9.47
C GLU A 25 21.89 14.66 -10.14
N MET A 26 23.10 14.98 -10.53
CA MET A 26 23.41 16.31 -11.02
C MET A 26 23.48 16.36 -12.54
N ASP A 27 23.16 15.25 -13.21
CA ASP A 27 23.09 15.23 -14.66
C ASP A 27 21.71 14.71 -15.05
N SER A 28 21.27 15.07 -16.25
CA SER A 28 19.95 14.67 -16.72
CA SER A 28 19.96 14.66 -16.71
C SER A 28 20.03 14.15 -18.15
N LEU A 29 19.11 13.25 -18.47
CA LEU A 29 18.88 12.70 -19.81
C LEU A 29 17.52 13.17 -20.30
N GLN A 30 17.41 13.37 -21.62
CA GLN A 30 16.14 13.65 -22.26
C GLN A 30 15.57 12.30 -22.70
N LEU A 31 14.51 11.85 -22.05
CA LEU A 31 13.99 10.52 -22.34
C LEU A 31 12.58 10.58 -22.91
N PRO A 32 12.20 9.66 -23.80
CA PRO A 32 10.87 9.69 -24.42
C PRO A 32 9.81 9.43 -23.36
N VAL A 33 8.69 10.14 -23.41
CA VAL A 33 7.55 9.81 -22.57
C VAL A 33 6.36 9.60 -23.49
N ASP A 34 5.54 8.58 -23.22
CA ASP A 34 4.43 8.30 -24.12
C ASP A 34 3.18 9.00 -23.61
N ALA A 35 2.07 8.82 -24.34
CA ALA A 35 0.85 9.55 -24.03
C ALA A 35 0.26 9.18 -22.67
N ASP A 36 0.58 8.01 -22.14
CA ASP A 36 0.13 7.65 -20.80
C ASP A 36 1.14 7.98 -19.71
N GLY A 37 2.24 8.62 -20.05
CA GLY A 37 3.14 8.99 -19.00
C GLY A 37 4.27 8.03 -18.74
N TYR A 38 4.42 6.96 -19.53
CA TYR A 38 5.52 6.02 -19.29
C TYR A 38 6.78 6.52 -19.98
N ILE A 39 7.86 6.67 -19.21
CA ILE A 39 9.19 7.05 -19.69
C ILE A 39 9.98 5.81 -20.08
N THR A 40 10.55 5.81 -21.28
CA THR A 40 11.38 4.69 -21.69
C THR A 40 12.78 4.92 -21.14
N ILE A 41 13.19 4.11 -20.17
CA ILE A 41 14.47 4.35 -19.53
C ILE A 41 15.58 3.51 -20.11
N PHE A 42 15.27 2.54 -20.97
CA PHE A 42 16.28 1.80 -21.72
C PHE A 42 15.99 2.00 -23.19
N ASP A 43 16.96 2.55 -23.92
CA ASP A 43 16.73 2.97 -25.29
C ASP A 43 17.09 1.90 -26.32
N GLY A 44 17.44 0.69 -25.88
CA GLY A 44 17.72 -0.37 -26.83
C GLY A 44 19.12 -0.35 -27.39
N LYS A 45 19.91 0.69 -27.08
CA LYS A 45 21.17 0.89 -27.76
C LYS A 45 22.31 1.24 -26.84
N THR A 46 22.04 2.00 -25.78
CA THR A 46 23.08 2.45 -24.86
C THR A 46 22.71 2.11 -23.42
N PHE A 47 23.67 2.27 -22.52
CA PHE A 47 23.41 2.21 -21.09
C PHE A 47 23.33 3.58 -20.43
N ASN A 48 22.92 4.63 -21.17
CA ASN A 48 22.85 5.94 -20.56
C ASN A 48 21.98 5.95 -19.30
N GLY A 49 22.52 6.48 -18.20
CA GLY A 49 21.78 6.55 -16.95
C GLY A 49 21.84 5.28 -16.12
N TRP A 50 22.36 4.19 -16.70
CA TRP A 50 22.53 2.93 -15.98
C TRP A 50 23.98 2.80 -15.48
N ARG A 51 24.16 2.10 -14.35
CA ARG A 51 25.52 1.81 -13.85
C ARG A 51 25.43 0.64 -12.89
N GLY A 52 26.56 -0.02 -12.66
CA GLY A 52 26.57 -1.10 -11.68
C GLY A 52 26.20 -0.56 -10.31
N TYR A 53 25.43 -1.35 -9.54
CA TYR A 53 25.24 -1.04 -8.13
C TYR A 53 26.60 -0.82 -7.48
N GLY A 54 26.80 0.32 -6.84
CA GLY A 54 28.06 0.65 -6.20
C GLY A 54 29.14 1.15 -7.12
N LYS A 55 28.89 1.23 -8.44
CA LYS A 55 29.95 1.48 -9.42
C LYS A 55 29.67 2.76 -10.18
N ASP A 56 30.69 3.21 -10.92
CA ASP A 56 30.53 4.38 -11.79
C ASP A 56 30.61 3.93 -13.24
N ARG A 57 30.34 2.66 -13.51
CA ARG A 57 30.42 2.11 -14.86
C ARG A 57 29.46 0.95 -14.91
N VAL A 58 29.23 0.46 -16.12
CA VAL A 58 28.41 -0.75 -16.29
C VAL A 58 29.39 -1.93 -16.25
N PRO A 59 29.18 -2.96 -15.41
CA PRO A 59 30.06 -4.13 -15.48
C PRO A 59 29.99 -4.73 -16.88
N SER A 60 31.12 -5.28 -17.35
CA SER A 60 31.19 -5.76 -18.72
C SER A 60 30.39 -7.04 -18.95
N LYS A 61 30.00 -7.76 -17.91
CA LYS A 61 29.09 -8.89 -18.11
C LYS A 61 27.66 -8.45 -18.45
N TRP A 62 27.34 -7.17 -18.30
CA TRP A 62 26.05 -6.64 -18.79
C TRP A 62 26.30 -6.08 -20.19
N THR A 63 25.53 -6.53 -21.16
CA THR A 63 25.73 -6.07 -22.53
C THR A 63 24.38 -5.75 -23.12
N ILE A 64 24.39 -5.15 -24.29
CA ILE A 64 23.18 -4.91 -25.05
C ILE A 64 23.21 -5.85 -26.23
N GLU A 65 22.11 -6.56 -26.44
CA GLU A 65 22.02 -7.59 -27.46
C GLU A 65 20.59 -7.64 -27.96
N ASP A 66 20.39 -7.35 -29.26
CA ASP A 66 19.07 -7.37 -29.92
C ASP A 66 18.01 -6.52 -29.18
N GLY A 67 18.36 -5.28 -28.86
CA GLY A 67 17.41 -4.38 -28.24
C GLY A 67 17.17 -4.64 -26.77
N CYS A 68 17.90 -5.58 -26.16
CA CYS A 68 17.75 -6.03 -24.78
C CYS A 68 18.97 -5.68 -23.93
N ILE A 69 18.75 -5.54 -22.62
CA ILE A 69 19.83 -5.56 -21.65
C ILE A 69 20.04 -7.02 -21.28
N LYS A 70 21.26 -7.50 -21.39
CA LYS A 70 21.53 -8.91 -21.15
C LYS A 70 22.60 -9.05 -20.08
N PHE A 71 22.39 -9.97 -19.15
CA PHE A 71 23.46 -10.35 -18.23
C PHE A 71 24.04 -11.66 -18.72
N ASN A 72 25.37 -11.72 -18.85
CA ASN A 72 26.08 -12.89 -19.37
C ASN A 72 26.65 -13.62 -18.16
N GLY A 73 25.97 -14.69 -17.74
CA GLY A 73 26.33 -15.34 -16.49
C GLY A 73 27.38 -16.41 -16.69
N SER A 74 28.23 -16.58 -15.67
CA SER A 74 29.24 -17.64 -15.68
CA SER A 74 29.24 -17.64 -15.67
C SER A 74 28.82 -18.85 -14.86
N GLY A 75 27.65 -18.80 -14.21
CA GLY A 75 27.16 -19.90 -13.40
C GLY A 75 27.61 -19.96 -11.97
N GLY A 76 28.08 -18.85 -11.39
CA GLY A 76 28.51 -18.89 -10.01
C GLY A 76 27.50 -18.47 -8.96
N GLY A 77 26.22 -18.32 -9.32
CA GLY A 77 25.19 -18.09 -8.31
C GLY A 77 25.35 -16.73 -7.67
N GLU A 78 25.29 -16.70 -6.33
CA GLU A 78 25.50 -15.47 -5.58
C GLU A 78 26.93 -14.93 -5.60
N ALA A 79 27.90 -15.63 -6.22
CA ALA A 79 29.30 -15.22 -6.07
C ALA A 79 29.59 -13.88 -6.76
N GLN A 80 28.90 -13.57 -7.86
CA GLN A 80 29.17 -12.33 -8.59
C GLN A 80 30.65 -12.23 -8.96
N ASP A 81 31.18 -13.28 -9.52
CA ASP A 81 32.58 -13.34 -9.92
C ASP A 81 32.78 -12.64 -11.26
N GLY A 82 34.03 -12.35 -11.57
CA GLY A 82 34.24 -11.70 -12.84
C GLY A 82 33.86 -10.23 -12.71
N ASP A 83 33.54 -9.62 -13.86
CA ASP A 83 33.14 -8.22 -13.90
C ASP A 83 31.62 -8.15 -13.95
N GLY A 84 31.00 -8.53 -12.84
CA GLY A 84 29.54 -8.57 -12.77
C GLY A 84 29.02 -7.65 -11.69
N GLY A 85 28.06 -8.10 -10.88
CA GLY A 85 27.44 -7.20 -9.94
C GLY A 85 26.10 -6.74 -10.48
N ASP A 86 25.21 -6.33 -9.57
CA ASP A 86 23.86 -5.94 -9.99
C ASP A 86 23.93 -4.62 -10.74
N LEU A 87 22.87 -4.33 -11.52
CA LEU A 87 22.78 -3.15 -12.35
C LEU A 87 21.62 -2.26 -11.85
N ILE A 88 21.82 -0.93 -11.85
CA ILE A 88 20.77 0.00 -11.46
C ILE A 88 20.58 1.05 -12.54
N PHE A 89 19.33 1.48 -12.69
CA PHE A 89 19.05 2.72 -13.37
C PHE A 89 19.18 3.82 -12.30
N ALA A 90 20.11 4.74 -12.47
CA ALA A 90 20.54 5.57 -11.36
C ALA A 90 19.67 6.81 -11.16
N HIS A 91 18.35 6.62 -11.10
CA HIS A 91 17.41 7.67 -10.78
C HIS A 91 16.50 7.15 -9.68
N LYS A 92 16.49 7.81 -8.52
CA LYS A 92 15.61 7.36 -7.43
C LYS A 92 14.17 7.71 -7.77
N PHE A 93 13.30 6.70 -7.76
CA PHE A 93 11.86 6.84 -7.90
C PHE A 93 11.17 6.63 -6.55
N LYS A 94 10.05 7.32 -6.33
CA LYS A 94 9.29 7.16 -5.09
C LYS A 94 7.95 6.49 -5.40
N ASN A 95 7.01 7.18 -6.09
CA ASN A 95 5.72 6.64 -6.52
C ASN A 95 5.77 6.43 -8.03
N PHE A 96 5.67 5.19 -8.48
CA PHE A 96 6.01 4.91 -9.87
C PHE A 96 5.37 3.59 -10.27
N GLU A 97 5.27 3.39 -11.57
CA GLU A 97 4.87 2.08 -12.07
C GLU A 97 5.86 1.66 -13.14
N LEU A 98 6.58 0.58 -12.88
CA LEU A 98 7.56 0.02 -13.81
C LEU A 98 6.93 -1.11 -14.60
N GLU A 99 7.19 -1.14 -15.91
CA GLU A 99 6.78 -2.20 -16.82
C GLU A 99 8.02 -2.59 -17.61
N MET A 100 8.30 -3.88 -17.69
CA MET A 100 9.38 -4.38 -18.53
C MET A 100 9.10 -5.82 -18.91
N GLU A 101 9.85 -6.30 -19.87
CA GLU A 101 9.80 -7.71 -20.24
C GLU A 101 11.09 -8.37 -19.80
N TRP A 102 10.98 -9.65 -19.38
CA TRP A 102 12.16 -10.43 -19.01
C TRP A 102 12.05 -11.84 -19.57
N LYS A 103 13.21 -12.44 -19.81
CA LYS A 103 13.33 -13.76 -20.40
C LYS A 103 14.53 -14.41 -19.74
N VAL A 104 14.37 -15.63 -19.24
CA VAL A 104 15.41 -16.24 -18.43
C VAL A 104 15.90 -17.49 -19.13
N SER A 105 17.20 -17.73 -19.05
CA SER A 105 17.76 -18.97 -19.55
C SER A 105 17.21 -20.15 -18.73
N LYS A 106 17.32 -21.36 -19.29
CA LYS A 106 16.89 -22.55 -18.54
C LYS A 106 17.65 -22.69 -17.22
N GLY A 107 16.93 -22.98 -16.15
CA GLY A 107 17.48 -23.06 -14.83
C GLY A 107 18.05 -21.75 -14.30
N GLY A 108 17.66 -20.61 -14.90
CA GLY A 108 18.21 -19.33 -14.53
C GLY A 108 17.49 -18.62 -13.38
N ASN A 109 18.22 -17.65 -12.79
CA ASN A 109 17.72 -16.94 -11.63
C ASN A 109 18.24 -15.51 -11.84
N SER A 110 17.39 -14.52 -11.65
CA SER A 110 17.77 -13.11 -11.63
C SER A 110 16.73 -12.42 -10.78
N GLY A 111 16.46 -11.17 -11.06
CA GLY A 111 15.57 -10.41 -10.19
C GLY A 111 15.50 -8.95 -10.62
N ILE A 112 14.38 -8.34 -10.28
CA ILE A 112 14.15 -6.92 -10.53
C ILE A 112 14.02 -6.28 -9.16
N PHE A 113 14.92 -5.38 -8.86
CA PHE A 113 14.96 -4.69 -7.57
C PHE A 113 14.26 -3.36 -7.66
N TYR A 114 13.69 -2.89 -6.56
CA TYR A 114 13.12 -1.53 -6.54
C TYR A 114 13.30 -0.91 -5.17
N LEU A 115 13.24 0.42 -5.13
CA LEU A 115 13.49 1.18 -3.90
C LEU A 115 14.89 0.89 -3.34
N ALA A 116 15.84 0.54 -4.21
CA ALA A 116 17.19 0.18 -3.78
C ALA A 116 17.97 1.37 -3.24
N GLN A 117 18.78 1.14 -2.20
CA GLN A 117 19.73 2.14 -1.72
C GLN A 117 21.13 1.60 -1.92
N GLU A 118 22.10 2.47 -2.24
CA GLU A 118 23.50 2.09 -2.21
C GLU A 118 23.94 2.18 -0.77
N VAL A 119 24.32 1.04 -0.17
CA VAL A 119 24.59 0.99 1.26
C VAL A 119 26.00 0.45 1.49
N THR A 120 26.74 1.09 2.38
CA THR A 120 28.00 0.56 2.85
C THR A 120 27.94 0.45 4.38
N SER A 121 28.72 -0.46 4.91
CA SER A 121 28.94 -0.56 6.34
C SER A 121 30.45 -0.37 6.55
N LYS A 122 30.89 -0.40 7.80
CA LYS A 122 32.30 -0.26 8.14
C LYS A 122 32.78 -1.59 8.73
N ASP A 123 33.99 -2.05 8.37
CA ASP A 123 34.51 -3.28 8.96
C ASP A 123 35.18 -2.90 10.28
N LYS A 124 35.87 -3.85 10.93
CA LYS A 124 36.40 -3.60 12.27
C LYS A 124 37.53 -2.58 12.25
N ASP A 125 38.16 -2.38 11.09
CA ASP A 125 39.23 -1.41 10.94
C ASP A 125 38.74 -0.08 10.38
N GLY A 126 37.43 0.10 10.22
CA GLY A 126 36.90 1.33 9.68
C GLY A 126 36.91 1.46 8.17
N ASN A 127 37.24 0.38 7.44
CA ASN A 127 37.12 0.38 5.99
C ASN A 127 35.66 0.23 5.54
N ASP A 128 35.36 0.71 4.33
CA ASP A 128 34.01 0.57 3.79
C ASP A 128 33.80 -0.84 3.27
N VAL A 129 32.59 -1.34 3.44
CA VAL A 129 32.16 -2.61 2.85
C VAL A 129 30.87 -2.34 2.11
N LEU A 130 30.87 -2.54 0.79
CA LEU A 130 29.65 -2.36 0.02
C LEU A 130 28.68 -3.50 0.37
N GLU A 131 27.47 -3.18 0.78
CA GLU A 131 26.49 -4.18 1.20
C GLU A 131 25.62 -4.57 0.01
N PRO A 132 25.04 -5.77 0.03
CA PRO A 132 24.27 -6.26 -1.13
C PRO A 132 23.08 -5.39 -1.42
N ILE A 133 22.76 -5.25 -2.72
CA ILE A 133 21.60 -4.44 -3.04
C ILE A 133 20.34 -4.99 -2.39
N TYR A 134 20.25 -6.29 -2.22
CA TYR A 134 18.99 -6.85 -1.75
C TYR A 134 18.78 -6.75 -0.26
N ILE A 135 19.71 -6.17 0.52
CA ILE A 135 19.38 -5.95 1.94
C ILE A 135 18.64 -4.64 2.14
N SER A 136 18.53 -3.80 1.10
CA SER A 136 17.67 -2.63 1.13
C SER A 136 16.52 -2.71 0.14
N ALA A 137 16.63 -3.52 -0.92
CA ALA A 137 15.72 -3.45 -2.06
C ALA A 137 14.82 -4.68 -2.11
N PRO A 138 13.50 -4.51 -2.02
CA PRO A 138 12.60 -5.64 -2.31
C PRO A 138 12.89 -6.16 -3.69
N GLU A 139 12.67 -7.45 -3.88
CA GLU A 139 13.04 -8.12 -5.13
C GLU A 139 11.83 -8.83 -5.72
N TYR A 140 11.53 -8.50 -6.97
CA TYR A 140 10.61 -9.27 -7.79
C TYR A 140 11.45 -10.39 -8.38
N GLN A 141 11.21 -11.61 -7.90
CA GLN A 141 12.03 -12.75 -8.27
C GLN A 141 11.92 -13.01 -9.78
N VAL A 142 13.04 -13.35 -10.41
CA VAL A 142 13.04 -13.79 -11.81
C VAL A 142 13.60 -15.22 -11.82
N LEU A 143 12.88 -16.17 -12.42
CA LEU A 143 13.29 -17.55 -12.20
C LEU A 143 12.75 -18.46 -13.29
N ASP A 144 13.50 -19.50 -13.66
CA ASP A 144 12.93 -20.63 -14.39
C ASP A 144 12.31 -21.56 -13.35
N ASN A 145 11.01 -21.36 -13.09
CA ASN A 145 10.27 -22.10 -12.05
C ASN A 145 10.28 -23.62 -12.29
N ASP A 146 10.56 -24.07 -13.48
CA ASP A 146 10.54 -25.50 -13.72
C ASP A 146 11.88 -26.16 -13.43
N ASN A 147 12.97 -25.41 -13.39
CA ASN A 147 14.28 -26.06 -13.28
C ASN A 147 15.22 -25.45 -12.27
N HIS A 148 14.90 -24.35 -11.68
CA HIS A 148 15.80 -23.86 -10.62
C HIS A 148 15.36 -24.38 -9.26
N PRO A 149 16.27 -24.95 -8.47
CA PRO A 149 15.86 -25.56 -7.20
C PRO A 149 15.30 -24.56 -6.23
N ASP A 150 15.60 -23.28 -6.42
CA ASP A 150 14.99 -22.27 -5.58
C ASP A 150 13.46 -22.34 -5.70
N ALA A 151 12.96 -22.86 -6.81
CA ALA A 151 11.50 -22.89 -6.97
C ALA A 151 10.85 -23.81 -5.94
N LYS A 152 11.58 -24.80 -5.44
CA LYS A 152 11.03 -25.73 -4.46
C LYS A 152 11.37 -25.32 -3.03
N LEU A 153 12.18 -24.28 -2.86
CA LEU A 153 12.69 -23.86 -1.56
C LEU A 153 11.80 -22.75 -1.02
N GLY A 154 12.14 -22.21 0.14
CA GLY A 154 11.25 -21.22 0.74
C GLY A 154 9.93 -21.84 1.19
N LYS A 155 8.90 -21.00 1.29
CA LYS A 155 7.60 -21.35 1.84
C LYS A 155 6.49 -20.97 0.86
N ASP A 156 5.63 -21.93 0.53
CA ASP A 156 4.47 -21.65 -0.35
C ASP A 156 4.88 -21.02 -1.68
N ASN A 157 5.96 -21.52 -2.26
CA ASN A 157 6.45 -21.05 -3.57
C ASN A 157 6.77 -19.55 -3.57
N ASN A 158 7.19 -19.00 -2.43
CA ASN A 158 7.49 -17.57 -2.36
C ASN A 158 8.87 -17.26 -2.92
N ARG A 159 9.50 -18.21 -3.62
CA ARG A 159 10.77 -17.96 -4.30
C ARG A 159 10.67 -18.20 -5.79
N GLN A 160 9.47 -18.33 -6.32
CA GLN A 160 9.21 -18.45 -7.75
C GLN A 160 9.04 -17.05 -8.35
N SER A 161 9.07 -16.99 -9.68
CA SER A 161 9.11 -15.71 -10.37
C SER A 161 7.93 -14.81 -10.01
N ALA A 162 8.20 -13.50 -9.93
CA ALA A 162 7.25 -12.44 -9.61
C ALA A 162 6.87 -12.46 -8.15
N SER A 163 7.38 -13.39 -7.34
CA SER A 163 7.26 -13.31 -5.89
C SER A 163 8.02 -12.11 -5.36
N LEU A 164 7.55 -11.59 -4.23
CA LEU A 164 8.41 -10.79 -3.38
C LEU A 164 9.33 -11.82 -2.72
N TYR A 165 10.57 -11.92 -3.20
CA TYR A 165 11.46 -13.03 -2.84
C TYR A 165 11.48 -13.36 -1.35
N ASP A 166 11.15 -14.62 -1.03
CA ASP A 166 11.17 -15.14 0.35
C ASP A 166 10.13 -14.49 1.28
N MET A 167 9.13 -13.83 0.72
CA MET A 167 8.12 -13.19 1.54
C MET A 167 6.68 -13.38 1.06
N ILE A 168 6.40 -13.11 -0.21
CA ILE A 168 5.02 -13.23 -0.71
C ILE A 168 5.09 -13.97 -2.03
N PRO A 169 4.40 -15.11 -2.17
CA PRO A 169 4.39 -15.81 -3.45
C PRO A 169 3.51 -15.08 -4.47
N ALA A 170 3.88 -15.20 -5.72
CA ALA A 170 3.02 -14.76 -6.82
C ALA A 170 1.81 -15.72 -6.95
N VAL A 171 0.60 -15.19 -6.86
CA VAL A 171 -0.62 -15.97 -7.07
C VAL A 171 -1.54 -15.19 -8.01
N PRO A 172 -1.84 -15.71 -9.21
CA PRO A 172 -1.38 -16.96 -9.77
C PRO A 172 0.06 -16.99 -10.25
N GLN A 173 0.65 -18.19 -10.25
CA GLN A 173 1.98 -18.38 -10.85
C GLN A 173 1.82 -18.62 -12.35
N ASN A 174 1.65 -17.52 -13.12
CA ASN A 174 1.38 -17.64 -14.55
C ASN A 174 2.63 -17.35 -15.39
N ALA A 175 3.84 -17.66 -14.90
CA ALA A 175 5.02 -17.43 -15.73
C ALA A 175 4.97 -18.23 -17.02
N LYS A 176 5.64 -17.71 -18.05
CA LYS A 176 5.84 -18.48 -19.25
C LYS A 176 7.08 -19.38 -19.03
N PRO A 177 7.22 -20.45 -19.81
CA PRO A 177 8.42 -21.31 -19.71
C PRO A 177 9.72 -20.56 -19.97
N PHE A 178 10.83 -21.17 -19.54
CA PHE A 178 12.12 -20.53 -19.76
C PHE A 178 12.33 -20.26 -21.23
N GLY A 179 13.05 -19.17 -21.52
CA GLY A 179 13.34 -18.75 -22.87
C GLY A 179 12.19 -18.07 -23.60
N GLU A 180 11.07 -17.81 -22.90
CA GLU A 180 9.94 -17.05 -23.43
C GLU A 180 9.86 -15.72 -22.70
N TRP A 181 9.30 -14.73 -23.37
CA TRP A 181 9.20 -13.42 -22.75
C TRP A 181 8.06 -13.41 -21.73
N ASN A 182 8.34 -12.85 -20.55
CA ASN A 182 7.32 -12.58 -19.54
C ASN A 182 7.23 -11.08 -19.37
N LYS A 183 6.04 -10.61 -19.00
CA LYS A 183 5.80 -9.21 -18.71
C LYS A 183 5.83 -9.01 -17.20
N ALA A 184 6.57 -8.02 -16.75
CA ALA A 184 6.64 -7.67 -15.34
C ALA A 184 5.98 -6.31 -15.11
N LYS A 185 5.28 -6.18 -13.97
CA LYS A 185 4.84 -4.89 -13.48
C LYS A 185 5.23 -4.77 -12.02
N ILE A 186 5.77 -3.61 -11.66
CA ILE A 186 5.99 -3.29 -10.25
C ILE A 186 5.45 -1.89 -10.04
N MET A 187 4.43 -1.78 -9.21
CA MET A 187 3.84 -0.50 -8.88
C MET A 187 4.09 -0.19 -7.40
N VAL A 188 4.66 0.98 -7.13
CA VAL A 188 4.77 1.48 -5.76
C VAL A 188 4.01 2.79 -5.73
N TYR A 189 2.96 2.87 -4.92
CA TYR A 189 2.16 4.10 -4.81
C TYR A 189 1.82 4.36 -3.36
N LYS A 190 2.48 5.33 -2.75
CA LYS A 190 2.23 5.70 -1.36
C LYS A 190 2.22 4.48 -0.44
N GLY A 191 3.27 3.65 -0.56
CA GLY A 191 3.43 2.47 0.24
C GLY A 191 2.73 1.22 -0.26
N THR A 192 1.73 1.36 -1.14
CA THR A 192 1.07 0.19 -1.72
C THR A 192 1.95 -0.37 -2.82
N VAL A 193 2.24 -1.67 -2.78
CA VAL A 193 3.10 -2.27 -3.79
C VAL A 193 2.31 -3.37 -4.44
N VAL A 194 2.34 -3.43 -5.76
CA VAL A 194 1.71 -4.51 -6.51
C VAL A 194 2.74 -5.07 -7.46
N HIS A 195 2.77 -6.41 -7.59
CA HIS A 195 3.55 -7.08 -8.62
C HIS A 195 2.60 -7.60 -9.66
N GLY A 196 2.96 -7.42 -10.92
CA GLY A 196 2.21 -8.00 -12.01
C GLY A 196 3.12 -8.95 -12.75
N GLN A 197 2.51 -9.98 -13.32
CA GLN A 197 3.21 -10.90 -14.19
C GLN A 197 2.25 -11.32 -15.29
N ASN A 198 2.67 -11.11 -16.54
CA ASN A 198 1.85 -11.46 -17.72
C ASN A 198 0.43 -10.92 -17.59
N ASP A 199 0.35 -9.62 -17.32
CA ASP A 199 -0.91 -8.89 -17.32
C ASP A 199 -1.90 -9.40 -16.27
N GLU A 200 -1.44 -10.05 -15.20
CA GLU A 200 -2.27 -10.30 -14.02
C GLU A 200 -1.57 -9.75 -12.80
N ASN A 201 -2.32 -9.18 -11.87
CA ASN A 201 -1.74 -8.79 -10.60
C ASN A 201 -1.54 -10.04 -9.76
N VAL A 202 -0.37 -10.24 -9.19
CA VAL A 202 -0.12 -11.52 -8.53
C VAL A 202 0.17 -11.38 -7.04
N LEU A 203 0.21 -10.16 -6.50
CA LEU A 203 0.35 -9.94 -5.06
C LEU A 203 0.29 -8.46 -4.79
N GLU A 204 0.00 -8.13 -3.53
CA GLU A 204 -0.15 -6.75 -3.11
C GLU A 204 0.30 -6.71 -1.66
N TYR A 205 1.01 -5.66 -1.26
CA TYR A 205 1.41 -5.47 0.14
C TYR A 205 1.59 -3.99 0.41
N HIS A 206 1.83 -3.66 1.68
CA HIS A 206 1.87 -2.27 2.12
C HIS A 206 3.10 -2.03 2.97
N LEU A 207 3.97 -1.17 2.46
CA LEU A 207 5.22 -0.87 3.12
C LEU A 207 4.96 -0.11 4.41
N TRP A 208 5.90 -0.25 5.36
CA TRP A 208 5.99 0.56 6.57
C TRP A 208 4.82 0.37 7.51
N THR A 209 4.13 -0.76 7.40
CA THR A 209 3.05 -1.16 8.29
C THR A 209 3.54 -2.22 9.25
N LYS A 210 2.75 -2.52 10.29
CA LYS A 210 3.17 -3.69 11.10
C LYS A 210 3.03 -5.00 10.31
N GLN A 211 2.18 -5.05 9.27
CA GLN A 211 2.16 -6.21 8.38
C GLN A 211 3.48 -6.39 7.64
N TRP A 212 4.06 -5.29 7.17
CA TRP A 212 5.38 -5.37 6.55
C TRP A 212 6.43 -5.84 7.56
N THR A 213 6.48 -5.21 8.74
CA THR A 213 7.41 -5.66 9.76
C THR A 213 7.28 -7.15 10.00
N ASP A 214 6.04 -7.64 10.18
CA ASP A 214 5.82 -9.06 10.43
C ASP A 214 6.35 -9.90 9.26
N LEU A 215 6.16 -9.43 8.03
CA LEU A 215 6.65 -10.18 6.88
C LEU A 215 8.17 -10.27 6.90
N LEU A 216 8.85 -9.21 7.32
CA LEU A 216 10.32 -9.25 7.41
C LEU A 216 10.75 -10.19 8.53
N GLN A 217 10.04 -10.16 9.67
CA GLN A 217 10.47 -10.93 10.84
C GLN A 217 10.32 -12.42 10.61
N ALA A 218 9.55 -12.83 9.61
CA ALA A 218 9.40 -14.22 9.22
C ALA A 218 10.35 -14.61 8.11
N SER A 219 11.16 -13.68 7.61
CA SER A 219 11.96 -13.86 6.41
C SER A 219 13.44 -14.01 6.75
N LYS A 220 14.26 -14.18 5.70
CA LYS A 220 15.71 -14.20 5.84
C LYS A 220 16.28 -12.87 6.32
N PHE A 221 15.53 -11.79 6.21
CA PHE A 221 15.96 -10.46 6.60
C PHE A 221 15.45 -10.06 7.97
N SER A 222 15.15 -11.05 8.81
CA SER A 222 14.53 -10.78 10.10
C SER A 222 15.50 -10.04 11.02
N GLN A 223 14.95 -9.37 12.04
CA GLN A 223 15.82 -8.61 12.93
C GLN A 223 16.82 -9.50 13.64
N ASP A 224 16.45 -10.78 13.88
CA ASP A 224 17.36 -11.77 14.46
C ASP A 224 18.42 -12.20 13.48
N LYS A 225 18.04 -12.49 12.25
CA LYS A 225 19.01 -13.11 11.35
C LYS A 225 19.88 -12.09 10.65
N TRP A 226 19.35 -10.91 10.35
CA TRP A 226 20.09 -9.93 9.56
C TRP A 226 19.74 -8.54 10.03
N PRO A 227 20.32 -8.08 11.15
CA PRO A 227 19.87 -6.80 11.73
C PRO A 227 19.97 -5.63 10.77
N LEU A 228 21.04 -5.52 9.99
CA LEU A 228 21.14 -4.39 9.06
C LEU A 228 20.06 -4.48 8.00
N ALA A 229 19.87 -5.65 7.40
CA ALA A 229 18.82 -5.82 6.40
C ALA A 229 17.47 -5.45 6.98
N PHE A 230 17.16 -5.97 8.15
CA PHE A 230 15.90 -5.62 8.77
C PHE A 230 15.74 -4.11 8.87
N GLU A 231 16.76 -3.42 9.38
CA GLU A 231 16.64 -1.99 9.59
C GLU A 231 16.40 -1.26 8.29
N LEU A 232 17.08 -1.67 7.22
CA LEU A 232 16.93 -1.00 5.94
C LEU A 232 15.56 -1.29 5.32
N LEU A 233 15.21 -2.58 5.24
CA LEU A 233 13.94 -2.98 4.63
C LEU A 233 12.75 -2.52 5.48
N ASN A 234 12.86 -2.55 6.81
CA ASN A 234 11.74 -2.09 7.62
C ASN A 234 11.39 -0.63 7.33
N ASN A 235 12.39 0.22 7.07
CA ASN A 235 12.12 1.57 6.59
C ASN A 235 12.47 1.71 5.10
N CYS A 236 11.91 0.83 4.29
CA CYS A 236 12.30 0.74 2.87
C CYS A 236 12.33 2.11 2.19
N GLY A 237 13.41 2.36 1.46
CA GLY A 237 13.58 3.62 0.76
C GLY A 237 14.23 4.69 1.60
N GLY A 238 14.62 4.37 2.84
CA GLY A 238 15.25 5.39 3.65
C GLY A 238 14.30 6.52 3.97
N GLU A 239 14.91 7.60 4.46
CA GLU A 239 14.16 8.72 5.01
C GLU A 239 13.16 9.33 4.04
N ASN A 240 13.49 9.38 2.74
CA ASN A 240 12.61 9.93 1.70
C ASN A 240 11.76 8.86 1.00
N HIS A 241 11.89 7.59 1.39
CA HIS A 241 11.04 6.52 0.85
C HIS A 241 11.14 6.39 -0.67
N GLU A 242 12.37 6.35 -1.20
CA GLU A 242 12.61 6.33 -2.66
C GLU A 242 13.88 5.52 -2.94
N GLY A 243 14.03 5.04 -4.17
CA GLY A 243 15.28 4.39 -4.49
C GLY A 243 15.31 3.92 -5.92
N PHE A 244 16.32 3.11 -6.22
CA PHE A 244 16.59 2.72 -7.58
C PHE A 244 15.85 1.43 -7.93
N ILE A 245 15.51 1.31 -9.21
CA ILE A 245 15.10 0.10 -9.92
C ILE A 245 16.39 -0.51 -10.44
N GLY A 246 16.47 -1.83 -10.49
CA GLY A 246 17.68 -2.47 -10.98
C GLY A 246 17.43 -3.94 -11.21
N MET A 247 18.46 -4.64 -11.67
CA MET A 247 18.31 -6.04 -12.03
C MET A 247 19.50 -6.84 -11.49
N GLN A 248 19.32 -8.16 -11.38
CA GLN A 248 20.26 -8.97 -10.60
C GLN A 248 21.23 -9.82 -11.42
N ASP A 249 22.50 -9.75 -11.00
CA ASP A 249 23.52 -10.74 -11.38
C ASP A 249 23.43 -11.87 -10.36
N ASN A 250 22.81 -12.97 -10.76
CA ASN A 250 22.85 -14.18 -9.97
C ASN A 250 23.54 -15.25 -10.79
N GLY A 251 24.46 -14.84 -11.65
CA GLY A 251 25.33 -15.74 -12.41
C GLY A 251 24.71 -16.38 -13.63
N ASP A 252 23.48 -16.00 -14.04
CA ASP A 252 22.74 -16.68 -15.10
C ASP A 252 22.32 -15.74 -16.21
N ASP A 253 22.41 -16.22 -17.45
CA ASP A 253 21.95 -15.44 -18.60
C ASP A 253 20.50 -15.03 -18.42
N VAL A 254 20.22 -13.75 -18.60
CA VAL A 254 18.86 -13.21 -18.53
C VAL A 254 18.82 -12.00 -19.45
N TRP A 255 17.64 -11.73 -20.04
CA TRP A 255 17.40 -10.64 -20.97
C TRP A 255 16.26 -9.76 -20.47
N PHE A 256 16.42 -8.43 -20.62
CA PHE A 256 15.41 -7.45 -20.23
C PHE A 256 15.15 -6.48 -21.37
N ARG A 257 13.88 -6.12 -21.61
CA ARG A 257 13.61 -5.17 -22.69
C ARG A 257 12.31 -4.39 -22.42
N ASN A 258 12.07 -3.38 -23.25
CA ASN A 258 10.88 -2.55 -23.13
C ASN A 258 10.69 -2.02 -21.71
N ILE A 259 11.73 -1.39 -21.17
CA ILE A 259 11.76 -0.96 -19.79
C ILE A 259 11.24 0.47 -19.70
N ARG A 260 10.05 0.65 -19.09
CA ARG A 260 9.34 1.93 -19.01
C ARG A 260 8.90 2.17 -17.58
N VAL A 261 8.99 3.41 -17.12
CA VAL A 261 8.51 3.79 -15.80
C VAL A 261 7.58 4.99 -15.93
N LYS A 262 6.45 4.95 -15.23
CA LYS A 262 5.57 6.14 -15.15
C LYS A 262 5.69 6.72 -13.75
N VAL A 263 5.97 8.02 -13.61
CA VAL A 263 6.00 8.67 -12.28
C VAL A 263 4.53 8.89 -11.91
N LEU A 264 4.10 8.37 -10.78
CA LEU A 264 2.65 8.36 -10.47
C LEU A 264 2.17 9.59 -9.68
N ASP A 265 3.07 10.42 -9.19
CA ASP A 265 2.64 11.59 -8.37
C ASP A 265 3.37 12.85 -8.86
N ALA A 266 3.29 13.96 -8.12
CA ALA A 266 3.85 15.24 -8.61
C ALA A 266 5.37 15.16 -8.80
N ASN B 11 -34.08 20.80 21.26
CA ASN B 11 -32.95 21.42 20.54
C ASN B 11 -31.61 20.61 20.65
N GLU B 12 -31.40 19.89 21.75
CA GLU B 12 -30.13 19.25 22.08
C GLU B 12 -30.38 17.89 22.72
N VAL B 13 -29.45 16.96 22.52
CA VAL B 13 -29.53 15.63 23.12
C VAL B 13 -28.19 15.31 23.77
N ALA B 14 -28.24 14.61 24.90
CA ALA B 14 -27.03 14.16 25.59
C ALA B 14 -26.42 12.95 24.86
N VAL B 15 -25.13 13.03 24.51
CA VAL B 15 -24.49 11.96 23.77
C VAL B 15 -23.24 11.53 24.54
N SER B 16 -23.20 10.26 24.94
CA SER B 16 -22.11 9.81 25.80
C SER B 16 -20.92 9.56 24.90
N TYR B 17 -19.73 9.60 25.48
CA TYR B 17 -18.51 9.31 24.71
C TYR B 17 -17.43 8.79 25.66
N SER B 18 -16.50 8.02 25.11
CA SER B 18 -15.36 7.50 25.85
C SER B 18 -14.12 8.32 25.51
N LYS B 19 -13.15 8.27 26.43
CA LYS B 19 -11.99 9.14 26.37
C LYS B 19 -10.72 8.42 26.00
N SER B 20 -10.71 7.09 26.07
CA SER B 20 -9.47 6.37 25.83
C SER B 20 -9.84 4.92 25.48
N LEU B 21 -8.80 4.15 25.13
CA LEU B 21 -8.93 2.80 24.57
C LEU B 21 -9.85 1.91 25.40
N LYS B 22 -10.96 1.48 24.79
CA LYS B 22 -11.88 0.52 25.39
C LYS B 22 -12.50 1.01 26.69
N ALA B 23 -12.48 2.32 26.94
CA ALA B 23 -13.06 2.83 28.18
C ALA B 23 -14.57 2.98 28.06
N ALA B 24 -15.26 3.03 29.21
CA ALA B 24 -16.70 3.25 29.24
C ALA B 24 -17.02 4.67 28.77
N GLU B 25 -18.24 4.85 28.25
CA GLU B 25 -18.71 6.19 27.84
C GLU B 25 -19.27 6.90 29.06
N MET B 26 -18.38 7.39 29.91
CA MET B 26 -18.82 7.87 31.22
C MET B 26 -18.99 9.38 31.24
N ASP B 27 -18.79 10.05 30.11
CA ASP B 27 -19.04 11.47 29.97
C ASP B 27 -20.06 11.71 28.85
N SER B 28 -20.68 12.90 28.85
CA SER B 28 -21.71 13.19 27.87
CA SER B 28 -21.70 13.19 27.86
C SER B 28 -21.54 14.59 27.32
N LEU B 29 -21.91 14.78 26.06
CA LEU B 29 -21.89 16.06 25.37
C LEU B 29 -23.32 16.47 25.04
N GLN B 30 -23.61 17.77 25.07
CA GLN B 30 -24.94 18.29 24.64
C GLN B 30 -24.86 18.68 23.17
N LEU B 31 -25.46 17.89 22.30
CA LEU B 31 -25.23 18.20 20.89
C LEU B 31 -26.54 18.63 20.23
N PRO B 32 -26.48 19.48 19.18
CA PRO B 32 -27.72 19.92 18.50
C PRO B 32 -28.43 18.75 17.82
N VAL B 33 -29.75 18.79 17.81
CA VAL B 33 -30.52 17.78 17.09
C VAL B 33 -31.65 18.50 16.37
N ASP B 34 -31.82 18.20 15.08
CA ASP B 34 -32.79 18.93 14.26
C ASP B 34 -34.16 18.24 14.37
N ALA B 35 -35.15 18.80 13.65
CA ALA B 35 -36.52 18.31 13.78
C ALA B 35 -36.69 16.89 13.27
N ASP B 36 -35.81 16.40 12.41
CA ASP B 36 -35.87 15.04 11.87
C ASP B 36 -34.99 14.03 12.61
N GLY B 37 -34.39 14.41 13.72
CA GLY B 37 -33.60 13.51 14.54
C GLY B 37 -32.10 13.50 14.30
N TYR B 38 -31.58 14.28 13.34
CA TYR B 38 -30.16 14.23 13.01
C TYR B 38 -29.36 15.04 14.03
N ILE B 39 -28.44 14.35 14.74
CA ILE B 39 -27.54 14.98 15.70
C ILE B 39 -26.27 15.44 14.98
N THR B 40 -25.91 16.71 15.14
CA THR B 40 -24.67 17.22 14.57
C THR B 40 -23.50 16.82 15.49
N ILE B 41 -22.66 15.90 15.03
CA ILE B 41 -21.62 15.39 15.93
C ILE B 41 -20.27 16.05 15.75
N PHE B 42 -20.13 16.91 14.73
CA PHE B 42 -18.95 17.75 14.59
C PHE B 42 -19.41 19.18 14.55
N ASP B 43 -18.93 19.97 15.49
CA ASP B 43 -19.47 21.30 15.66
C ASP B 43 -18.77 22.34 14.81
N GLY B 44 -17.84 21.95 13.94
CA GLY B 44 -17.12 22.87 13.10
C GLY B 44 -16.03 23.66 13.78
N LYS B 45 -15.84 23.51 15.09
CA LYS B 45 -14.81 24.27 15.80
C LYS B 45 -13.93 23.44 16.73
N THR B 46 -14.41 22.35 17.32
CA THR B 46 -13.70 21.56 18.30
C THR B 46 -13.72 20.07 17.91
N PHE B 47 -12.89 19.28 18.57
CA PHE B 47 -12.93 17.82 18.43
C PHE B 47 -13.67 17.17 19.61
N ASN B 48 -14.61 17.86 20.25
CA ASN B 48 -15.22 17.27 21.44
C ASN B 48 -15.90 15.92 21.09
N GLY B 49 -15.60 14.88 21.88
CA GLY B 49 -16.12 13.54 21.65
C GLY B 49 -15.33 12.72 20.65
N TRP B 50 -14.39 13.35 19.95
CA TRP B 50 -13.55 12.69 18.95
C TRP B 50 -12.20 12.38 19.57
N ARG B 51 -11.59 11.29 19.11
CA ARG B 51 -10.24 10.93 19.54
C ARG B 51 -9.66 9.95 18.53
N GLY B 52 -8.34 9.83 18.51
CA GLY B 52 -7.78 8.85 17.59
C GLY B 52 -8.16 7.44 18.02
N TYR B 53 -8.33 6.58 17.05
CA TYR B 53 -8.57 5.16 17.30
C TYR B 53 -7.44 4.61 18.15
N GLY B 54 -7.79 4.01 19.28
CA GLY B 54 -6.81 3.51 20.22
C GLY B 54 -6.15 4.57 21.09
N LYS B 55 -6.52 5.84 20.96
CA LYS B 55 -5.83 6.94 21.63
C LYS B 55 -6.76 7.67 22.61
N ASP B 56 -6.17 8.51 23.44
CA ASP B 56 -6.91 9.36 24.35
C ASP B 56 -6.82 10.83 23.94
N ARG B 57 -6.54 11.10 22.67
CA ARG B 57 -6.27 12.44 22.19
C ARG B 57 -6.49 12.38 20.70
N VAL B 58 -6.65 13.54 20.06
CA VAL B 58 -6.77 13.65 18.62
C VAL B 58 -5.37 13.76 18.06
N PRO B 59 -4.95 12.90 17.11
CA PRO B 59 -3.62 13.10 16.51
C PRO B 59 -3.58 14.46 15.83
N SER B 60 -2.41 15.10 15.91
CA SER B 60 -2.26 16.48 15.47
C SER B 60 -2.28 16.61 13.95
N LYS B 61 -2.14 15.51 13.21
CA LYS B 61 -2.36 15.57 11.77
C LYS B 61 -3.83 15.77 11.40
N TRP B 62 -4.74 15.60 12.36
CA TRP B 62 -6.15 15.98 12.16
C TRP B 62 -6.32 17.42 12.63
N THR B 63 -6.79 18.30 11.76
CA THR B 63 -6.99 19.67 12.15
C THR B 63 -8.41 20.09 11.82
N ILE B 64 -8.80 21.25 12.32
CA ILE B 64 -10.08 21.86 11.97
C ILE B 64 -9.77 23.08 11.13
N GLU B 65 -10.33 23.14 9.92
CA GLU B 65 -10.10 24.29 9.03
C GLU B 65 -11.34 24.57 8.20
N ASP B 66 -11.75 25.84 8.13
CA ASP B 66 -12.94 26.28 7.37
C ASP B 66 -14.17 25.43 7.70
N GLY B 67 -14.37 25.09 8.98
CA GLY B 67 -15.56 24.35 9.33
C GLY B 67 -15.53 22.87 8.97
N CYS B 68 -14.35 22.30 8.71
CA CYS B 68 -14.17 20.91 8.30
C CYS B 68 -13.20 20.19 9.22
N ILE B 69 -13.35 18.87 9.32
CA ILE B 69 -12.27 18.03 9.85
C ILE B 69 -11.38 17.71 8.66
N LYS B 70 -10.08 18.02 8.79
CA LYS B 70 -9.11 17.82 7.72
C LYS B 70 -8.01 16.89 8.20
N PHE B 71 -7.72 15.84 7.41
CA PHE B 71 -6.50 15.09 7.67
C PHE B 71 -5.36 15.65 6.81
N ASN B 72 -4.23 15.88 7.42
CA ASN B 72 -3.06 16.45 6.75
C ASN B 72 -2.09 15.32 6.45
N GLY B 73 -2.09 14.83 5.21
CA GLY B 73 -1.38 13.60 4.88
C GLY B 73 0.06 13.85 4.43
N SER B 74 0.95 12.91 4.72
CA SER B 74 2.34 13.01 4.28
CA SER B 74 2.35 12.98 4.30
C SER B 74 2.67 12.07 3.13
N GLY B 75 1.73 11.23 2.70
CA GLY B 75 1.91 10.43 1.52
C GLY B 75 2.29 8.99 1.74
N GLY B 76 2.18 8.47 2.96
CA GLY B 76 2.66 7.11 3.19
C GLY B 76 1.64 5.99 3.23
N GLY B 77 0.45 6.22 2.68
CA GLY B 77 -0.56 5.17 2.62
C GLY B 77 -0.96 4.73 4.00
N GLU B 78 -0.89 3.42 4.24
CA GLU B 78 -1.23 2.83 5.53
C GLU B 78 -0.17 3.05 6.60
N ALA B 79 0.97 3.64 6.28
CA ALA B 79 2.04 3.79 7.26
C ALA B 79 1.55 4.50 8.52
N GLN B 80 0.69 5.52 8.39
CA GLN B 80 0.24 6.29 9.56
C GLN B 80 1.43 6.82 10.37
N ASP B 81 2.37 7.44 9.68
CA ASP B 81 3.57 7.98 10.28
C ASP B 81 3.30 9.36 10.86
N GLY B 82 4.27 9.84 11.63
CA GLY B 82 4.14 11.08 12.34
C GLY B 82 3.00 10.89 13.30
N ASP B 83 2.39 12.01 13.68
CA ASP B 83 1.29 12.04 14.65
C ASP B 83 -0.03 11.83 13.94
N GLY B 84 -0.28 10.57 13.55
CA GLY B 84 -1.39 10.21 12.70
C GLY B 84 -2.26 9.14 13.35
N GLY B 85 -3.00 8.39 12.54
CA GLY B 85 -3.86 7.35 13.06
C GLY B 85 -5.28 7.66 12.63
N ASP B 86 -6.15 6.66 12.60
CA ASP B 86 -7.55 6.89 12.26
C ASP B 86 -8.25 7.60 13.40
N LEU B 87 -9.33 8.33 13.05
CA LEU B 87 -10.07 9.16 14.00
C LEU B 87 -11.47 8.56 14.17
N ILE B 88 -11.97 8.57 15.40
CA ILE B 88 -13.30 8.06 15.70
C ILE B 88 -14.06 9.09 16.52
N PHE B 89 -15.37 9.13 16.29
CA PHE B 89 -16.28 9.81 17.20
C PHE B 89 -16.62 8.77 18.26
N ALA B 90 -16.23 9.03 19.50
CA ALA B 90 -16.17 7.98 20.51
C ALA B 90 -17.50 7.66 21.16
N HIS B 91 -18.56 7.45 20.36
CA HIS B 91 -19.86 6.98 20.85
C HIS B 91 -20.25 5.79 19.99
N LYS B 92 -20.51 4.64 20.64
CA LYS B 92 -20.97 3.45 19.94
C LYS B 92 -22.41 3.65 19.46
N PHE B 93 -22.63 3.52 18.16
CA PHE B 93 -23.97 3.54 17.57
C PHE B 93 -24.36 2.14 17.13
N LYS B 94 -25.67 1.85 17.07
CA LYS B 94 -26.15 0.53 16.63
C LYS B 94 -27.00 0.67 15.36
N ASN B 95 -28.16 1.29 15.46
CA ASN B 95 -29.04 1.56 14.32
C ASN B 95 -29.03 3.06 14.09
N PHE B 96 -28.59 3.48 12.91
CA PHE B 96 -28.29 4.89 12.76
C PHE B 96 -28.24 5.22 11.28
N GLU B 97 -28.29 6.51 10.99
CA GLU B 97 -28.07 7.01 9.64
C GLU B 97 -27.10 8.17 9.72
N LEU B 98 -25.94 8.00 9.10
CA LEU B 98 -24.87 8.99 9.11
C LEU B 98 -24.90 9.72 7.76
N GLU B 99 -24.85 11.06 7.79
CA GLU B 99 -24.69 11.85 6.58
C GLU B 99 -23.48 12.75 6.75
N MET B 100 -22.70 12.92 5.70
CA MET B 100 -21.59 13.86 5.80
C MET B 100 -21.16 14.24 4.39
N GLU B 101 -20.47 15.37 4.28
CA GLU B 101 -19.79 15.76 3.05
C GLU B 101 -18.32 15.40 3.16
N TRP B 102 -17.75 14.94 2.06
CA TRP B 102 -16.34 14.61 1.99
C TRP B 102 -15.75 15.09 0.67
N LYS B 103 -14.46 15.42 0.73
CA LYS B 103 -13.69 15.89 -0.41
C LYS B 103 -12.28 15.32 -0.31
N VAL B 104 -11.78 14.75 -1.39
CA VAL B 104 -10.50 14.05 -1.35
C VAL B 104 -9.51 14.75 -2.27
N SER B 105 -8.23 14.76 -1.88
CA SER B 105 -7.23 15.41 -2.72
C SER B 105 -6.91 14.52 -3.93
N LYS B 106 -6.24 15.11 -4.93
CA LYS B 106 -5.90 14.36 -6.15
C LYS B 106 -5.03 13.16 -5.82
N GLY B 107 -5.42 12.00 -6.35
CA GLY B 107 -4.71 10.76 -6.02
C GLY B 107 -4.85 10.33 -4.59
N GLY B 108 -5.83 10.89 -3.87
CA GLY B 108 -5.97 10.64 -2.46
C GLY B 108 -6.89 9.48 -2.12
N ASN B 109 -6.77 9.03 -0.88
CA ASN B 109 -7.46 7.83 -0.42
C ASN B 109 -7.77 8.10 1.05
N SER B 110 -9.03 7.92 1.46
CA SER B 110 -9.38 7.90 2.88
C SER B 110 -10.54 6.94 3.03
N GLY B 111 -11.41 7.15 3.99
CA GLY B 111 -12.55 6.26 4.15
C GLY B 111 -13.38 6.66 5.35
N ILE B 112 -14.62 6.16 5.37
CA ILE B 112 -15.54 6.37 6.51
C ILE B 112 -15.84 4.99 7.09
N PHE B 113 -15.43 4.78 8.33
CA PHE B 113 -15.70 3.51 9.00
C PHE B 113 -16.97 3.56 9.85
N TYR B 114 -17.57 2.41 10.04
CA TYR B 114 -18.73 2.34 10.91
C TYR B 114 -18.74 0.99 11.59
N LEU B 115 -19.45 0.93 12.71
CA LEU B 115 -19.53 -0.24 13.57
C LEU B 115 -18.14 -0.68 14.04
N ALA B 116 -17.21 0.26 14.12
CA ALA B 116 -15.83 -0.05 14.50
C ALA B 116 -15.67 -0.46 15.97
N GLN B 117 -14.76 -1.41 16.22
CA GLN B 117 -14.29 -1.82 17.54
C GLN B 117 -12.81 -1.50 17.65
N GLU B 118 -12.40 -1.12 18.87
CA GLU B 118 -11.01 -0.96 19.22
C GLU B 118 -10.52 -2.33 19.66
N VAL B 119 -9.67 -2.96 18.86
CA VAL B 119 -9.30 -4.35 19.07
C VAL B 119 -7.81 -4.44 19.31
N THR B 120 -7.42 -5.20 20.32
CA THR B 120 -6.00 -5.53 20.50
C THR B 120 -5.85 -7.03 20.43
N SER B 121 -4.68 -7.48 19.95
CA SER B 121 -4.28 -8.87 20.07
C SER B 121 -3.06 -8.96 20.99
N LYS B 122 -2.69 -10.19 21.32
CA LYS B 122 -1.53 -10.51 22.14
C LYS B 122 -0.42 -11.01 21.22
N ASP B 123 0.81 -10.52 21.41
CA ASP B 123 1.88 -11.05 20.59
C ASP B 123 2.47 -12.29 21.29
N LYS B 124 3.55 -12.85 20.74
CA LYS B 124 4.07 -14.09 21.31
C LYS B 124 4.56 -13.92 22.74
N ASP B 125 4.92 -12.71 23.17
CA ASP B 125 5.42 -12.47 24.53
C ASP B 125 4.37 -11.91 25.47
N GLY B 126 3.12 -11.86 25.06
CA GLY B 126 2.09 -11.33 25.91
C GLY B 126 1.83 -9.85 25.78
N ASN B 127 2.53 -9.13 24.90
CA ASN B 127 2.28 -7.71 24.75
C ASN B 127 1.03 -7.46 23.91
N ASP B 128 0.39 -6.30 24.12
CA ASP B 128 -0.77 -5.89 23.32
C ASP B 128 -0.31 -5.41 21.96
N VAL B 129 -1.09 -5.72 20.94
CA VAL B 129 -0.89 -5.19 19.62
C VAL B 129 -2.22 -4.59 19.17
N LEU B 130 -2.26 -3.29 18.93
CA LEU B 130 -3.49 -2.67 18.48
C LEU B 130 -3.71 -3.08 17.03
N GLU B 131 -4.81 -3.61 16.74
CA GLU B 131 -5.12 -4.06 15.38
C GLU B 131 -5.79 -2.93 14.58
N PRO B 132 -5.71 -2.99 13.24
CA PRO B 132 -6.30 -1.91 12.41
C PRO B 132 -7.79 -1.78 12.62
N ILE B 133 -8.27 -0.53 12.58
CA ILE B 133 -9.70 -0.32 12.67
C ILE B 133 -10.41 -1.04 11.55
N TYR B 134 -9.81 -1.10 10.36
CA TYR B 134 -10.49 -1.69 9.23
C TYR B 134 -10.61 -3.22 9.30
N ILE B 135 -10.01 -3.93 10.27
CA ILE B 135 -10.31 -5.36 10.35
C ILE B 135 -11.53 -5.66 11.23
N SER B 136 -12.12 -4.66 11.89
CA SER B 136 -13.43 -4.80 12.55
C SER B 136 -14.51 -3.98 11.88
N ALA B 137 -14.16 -2.87 11.22
CA ALA B 137 -15.11 -1.89 10.71
C ALA B 137 -15.26 -1.98 9.21
N PRO B 138 -16.46 -2.27 8.71
CA PRO B 138 -16.74 -2.00 7.29
C PRO B 138 -16.34 -0.58 6.91
N GLU B 139 -15.90 -0.41 5.65
CA GLU B 139 -15.42 0.89 5.21
C GLU B 139 -16.19 1.35 3.98
N TYR B 140 -16.70 2.55 4.06
CA TYR B 140 -17.19 3.28 2.90
C TYR B 140 -15.93 3.94 2.30
N GLN B 141 -15.49 3.47 1.11
CA GLN B 141 -14.23 3.95 0.55
C GLN B 141 -14.31 5.44 0.19
N VAL B 142 -13.20 6.16 0.39
CA VAL B 142 -13.09 7.53 -0.11
C VAL B 142 -11.86 7.58 -1.02
N LEU B 143 -12.04 8.00 -2.27
CA LEU B 143 -10.96 7.80 -3.24
C LEU B 143 -11.11 8.77 -4.39
N ASP B 144 -9.97 9.21 -4.94
CA ASP B 144 -9.95 9.86 -6.25
C ASP B 144 -10.02 8.69 -7.24
N ASN B 145 -11.22 8.41 -7.77
CA ASN B 145 -11.43 7.26 -8.65
C ASN B 145 -10.65 7.34 -9.97
N ASP B 146 -10.19 8.50 -10.39
CA ASP B 146 -9.47 8.63 -11.67
C ASP B 146 -7.96 8.57 -11.54
N ASN B 147 -7.37 8.85 -10.38
CA ASN B 147 -5.91 8.89 -10.26
C ASN B 147 -5.31 7.98 -9.20
N HIS B 148 -6.10 7.41 -8.29
CA HIS B 148 -5.53 6.49 -7.34
C HIS B 148 -5.52 5.10 -7.92
N PRO B 149 -4.34 4.41 -7.94
CA PRO B 149 -4.27 3.08 -8.58
C PRO B 149 -5.18 2.07 -7.95
N ASP B 150 -5.57 2.25 -6.68
CA ASP B 150 -6.48 1.29 -6.09
C ASP B 150 -7.81 1.26 -6.83
N ALA B 151 -8.17 2.36 -7.50
CA ALA B 151 -9.41 2.40 -8.27
C ALA B 151 -9.51 1.24 -9.24
N LYS B 152 -8.36 0.74 -9.72
CA LYS B 152 -8.31 -0.30 -10.72
C LYS B 152 -8.09 -1.68 -10.12
N LEU B 153 -7.88 -1.78 -8.81
CA LEU B 153 -7.64 -3.06 -8.17
C LEU B 153 -8.98 -3.67 -7.69
N GLY B 154 -8.91 -4.81 -7.00
CA GLY B 154 -10.14 -5.48 -6.57
C GLY B 154 -10.91 -6.03 -7.75
N LYS B 155 -12.22 -6.12 -7.61
CA LYS B 155 -13.08 -6.70 -8.64
C LYS B 155 -14.25 -5.75 -8.88
N ASP B 156 -14.56 -5.48 -10.14
CA ASP B 156 -15.78 -4.73 -10.49
C ASP B 156 -15.85 -3.37 -9.79
N ASN B 157 -14.69 -2.75 -9.63
CA ASN B 157 -14.62 -1.39 -9.11
C ASN B 157 -15.11 -1.31 -7.67
N ASN B 158 -14.91 -2.39 -6.90
CA ASN B 158 -15.33 -2.43 -5.50
C ASN B 158 -14.30 -1.80 -4.57
N ARG B 159 -13.33 -1.06 -5.10
CA ARG B 159 -12.42 -0.26 -4.28
C ARG B 159 -12.55 1.23 -4.60
N GLN B 160 -13.53 1.61 -5.42
CA GLN B 160 -13.80 3.00 -5.75
C GLN B 160 -14.71 3.62 -4.70
N SER B 161 -14.82 4.96 -4.73
CA SER B 161 -15.45 5.70 -3.65
C SER B 161 -16.90 5.24 -3.43
N ALA B 162 -17.30 5.19 -2.16
CA ALA B 162 -18.60 4.76 -1.65
C ALA B 162 -18.81 3.26 -1.74
N SER B 163 -17.87 2.49 -2.31
CA SER B 163 -17.91 1.04 -2.19
C SER B 163 -17.83 0.60 -0.74
N LEU B 164 -18.37 -0.59 -0.45
CA LEU B 164 -17.97 -1.28 0.75
C LEU B 164 -16.62 -1.87 0.40
N TYR B 165 -15.54 -1.37 1.02
CA TYR B 165 -14.21 -1.65 0.50
C TYR B 165 -13.92 -3.12 0.24
N ASP B 166 -13.46 -3.41 -0.98
CA ASP B 166 -13.09 -4.75 -1.43
C ASP B 166 -14.21 -5.76 -1.42
N MET B 167 -15.45 -5.31 -1.33
CA MET B 167 -16.53 -6.28 -1.29
C MET B 167 -17.70 -5.93 -2.22
N ILE B 168 -18.21 -4.70 -2.20
CA ILE B 168 -19.38 -4.35 -3.01
C ILE B 168 -19.09 -3.01 -3.67
N PRO B 169 -19.17 -2.92 -5.00
CA PRO B 169 -18.95 -1.63 -5.66
C PRO B 169 -20.13 -0.70 -5.49
N ALA B 170 -19.86 0.59 -5.58
CA ALA B 170 -20.92 1.56 -5.71
C ALA B 170 -21.51 1.52 -7.10
N VAL B 171 -22.82 1.38 -7.20
CA VAL B 171 -23.53 1.40 -8.48
C VAL B 171 -24.85 2.16 -8.33
N PRO B 172 -25.01 3.32 -8.99
CA PRO B 172 -24.08 4.02 -9.90
C PRO B 172 -22.84 4.61 -9.23
N GLN B 173 -21.74 4.64 -9.98
CA GLN B 173 -20.50 5.28 -9.51
C GLN B 173 -20.53 6.76 -9.90
N ASN B 174 -21.29 7.54 -9.11
CA ASN B 174 -21.59 8.93 -9.42
C ASN B 174 -20.71 9.88 -8.61
N ALA B 175 -19.54 9.46 -8.19
CA ALA B 175 -18.63 10.39 -7.53
C ALA B 175 -18.36 11.59 -8.42
N LYS B 176 -18.20 12.75 -7.79
CA LYS B 176 -17.70 13.95 -8.44
C LYS B 176 -16.18 13.91 -8.40
N PRO B 177 -15.50 14.68 -9.24
CA PRO B 177 -14.03 14.56 -9.37
C PRO B 177 -13.31 14.99 -8.08
N PHE B 178 -12.01 14.67 -8.01
CA PHE B 178 -11.21 15.03 -6.84
C PHE B 178 -11.27 16.54 -6.59
N GLY B 179 -11.06 16.93 -5.35
CA GLY B 179 -11.19 18.31 -4.96
C GLY B 179 -12.61 18.84 -4.94
N GLU B 180 -13.62 18.03 -5.26
CA GLU B 180 -15.01 18.48 -5.19
C GLU B 180 -15.70 17.77 -4.01
N TRP B 181 -16.70 18.43 -3.44
CA TRP B 181 -17.45 17.93 -2.29
C TRP B 181 -18.39 16.83 -2.76
N ASN B 182 -18.38 15.70 -2.09
CA ASN B 182 -19.36 14.63 -2.32
C ASN B 182 -20.17 14.46 -1.05
N LYS B 183 -21.35 13.85 -1.16
CA LYS B 183 -22.17 13.55 -0.01
C LYS B 183 -22.12 12.05 0.22
N ALA B 184 -21.97 11.67 1.50
CA ALA B 184 -22.02 10.27 1.91
C ALA B 184 -23.26 10.04 2.78
N LYS B 185 -23.86 8.88 2.60
CA LYS B 185 -24.85 8.37 3.54
C LYS B 185 -24.44 6.97 3.90
N ILE B 186 -24.48 6.66 5.20
CA ILE B 186 -24.36 5.27 5.64
C ILE B 186 -25.51 5.05 6.60
N MET B 187 -26.35 4.07 6.31
CA MET B 187 -27.48 3.68 7.14
C MET B 187 -27.29 2.25 7.63
N VAL B 188 -27.37 2.03 8.92
CA VAL B 188 -27.39 0.67 9.46
C VAL B 188 -28.68 0.57 10.23
N TYR B 189 -29.55 -0.35 9.83
CA TYR B 189 -30.83 -0.49 10.49
C TYR B 189 -31.16 -1.97 10.60
N LYS B 190 -31.04 -2.51 11.83
CA LYS B 190 -31.34 -3.93 12.11
C LYS B 190 -30.69 -4.84 11.08
N GLY B 191 -29.40 -4.60 10.83
CA GLY B 191 -28.59 -5.41 9.95
C GLY B 191 -28.62 -5.01 8.47
N THR B 192 -29.59 -4.19 8.05
CA THR B 192 -29.65 -3.72 6.67
C THR B 192 -28.73 -2.51 6.55
N VAL B 193 -27.80 -2.55 5.61
CA VAL B 193 -26.84 -1.46 5.42
C VAL B 193 -27.06 -0.89 4.03
N VAL B 194 -27.12 0.45 3.93
CA VAL B 194 -27.15 1.13 2.64
C VAL B 194 -26.07 2.20 2.64
N HIS B 195 -25.27 2.26 1.55
CA HIS B 195 -24.39 3.38 1.29
C HIS B 195 -25.08 4.29 0.28
N GLY B 196 -25.02 5.59 0.51
CA GLY B 196 -25.48 6.58 -0.45
C GLY B 196 -24.28 7.40 -0.91
N GLN B 197 -24.30 7.85 -2.15
CA GLN B 197 -23.29 8.77 -2.62
C GLN B 197 -24.00 9.83 -3.45
N ASN B 198 -23.78 11.10 -3.11
CA ASN B 198 -24.39 12.20 -3.86
C ASN B 198 -25.90 11.98 -4.04
N ASP B 199 -26.59 11.63 -2.96
CA ASP B 199 -28.04 11.56 -2.90
C ASP B 199 -28.63 10.39 -3.68
N GLU B 200 -27.86 9.35 -3.97
CA GLU B 200 -28.42 8.13 -4.56
C GLU B 200 -27.93 6.95 -3.73
N ASN B 201 -28.80 5.97 -3.48
CA ASN B 201 -28.32 4.73 -2.89
C ASN B 201 -27.47 4.01 -3.90
N VAL B 202 -26.29 3.57 -3.48
CA VAL B 202 -25.36 2.94 -4.42
C VAL B 202 -25.03 1.50 -4.05
N LEU B 203 -25.54 0.98 -2.94
CA LEU B 203 -25.41 -0.43 -2.61
C LEU B 203 -26.19 -0.70 -1.35
N GLU B 204 -26.56 -1.98 -1.15
CA GLU B 204 -27.30 -2.41 0.03
C GLU B 204 -26.84 -3.82 0.38
N TYR B 205 -26.73 -4.14 1.67
CA TYR B 205 -26.38 -5.50 2.07
C TYR B 205 -26.98 -5.79 3.45
N HIS B 206 -26.84 -7.03 3.90
CA HIS B 206 -27.40 -7.47 5.17
C HIS B 206 -26.33 -8.18 6.01
N LEU B 207 -26.04 -7.61 7.18
CA LEU B 207 -25.02 -8.12 8.08
C LEU B 207 -25.46 -9.42 8.71
N TRP B 208 -24.49 -10.25 9.11
CA TRP B 208 -24.70 -11.46 9.91
C TRP B 208 -25.50 -12.53 9.16
N THR B 209 -25.50 -12.49 7.85
CA THR B 209 -26.19 -13.44 6.99
C THR B 209 -25.18 -14.33 6.30
N LYS B 210 -25.71 -15.31 5.58
CA LYS B 210 -24.88 -16.11 4.70
C LYS B 210 -24.26 -15.26 3.59
N GLN B 211 -25.04 -14.30 3.05
CA GLN B 211 -24.49 -13.41 2.03
C GLN B 211 -23.31 -12.62 2.57
N TRP B 212 -23.40 -12.15 3.82
CA TRP B 212 -22.33 -11.37 4.43
C TRP B 212 -21.04 -12.20 4.54
N THR B 213 -21.17 -13.44 4.98
CA THR B 213 -20.02 -14.33 5.06
C THR B 213 -19.39 -14.53 3.69
N ASP B 214 -20.23 -14.78 2.66
CA ASP B 214 -19.71 -14.95 1.30
C ASP B 214 -18.94 -13.71 0.84
N LEU B 215 -19.46 -12.51 1.12
CA LEU B 215 -18.71 -11.30 0.75
C LEU B 215 -17.34 -11.32 1.38
N LEU B 216 -17.26 -11.62 2.67
CA LEU B 216 -15.98 -11.64 3.39
C LEU B 216 -15.03 -12.67 2.83
N GLN B 217 -15.56 -13.86 2.55
CA GLN B 217 -14.73 -14.95 2.05
C GLN B 217 -14.18 -14.66 0.66
N ALA B 218 -14.75 -13.72 -0.07
CA ALA B 218 -14.27 -13.32 -1.38
C ALA B 218 -13.30 -12.13 -1.32
N SER B 219 -12.99 -11.64 -0.13
CA SER B 219 -12.29 -10.37 0.06
C SER B 219 -10.91 -10.58 0.66
N LYS B 220 -10.17 -9.47 0.85
CA LYS B 220 -8.92 -9.50 1.61
C LYS B 220 -9.10 -9.91 3.07
N PHE B 221 -10.33 -9.98 3.56
CA PHE B 221 -10.60 -10.28 4.96
C PHE B 221 -11.10 -11.71 5.15
N SER B 222 -10.87 -12.58 4.16
CA SER B 222 -11.37 -13.95 4.20
C SER B 222 -10.75 -14.71 5.36
N GLN B 223 -11.45 -15.75 5.78
CA GLN B 223 -10.97 -16.55 6.89
C GLN B 223 -9.58 -17.09 6.59
N ASP B 224 -9.26 -17.40 5.32
CA ASP B 224 -7.94 -17.94 5.00
C ASP B 224 -6.89 -16.85 4.86
N LYS B 225 -7.24 -15.67 4.39
CA LYS B 225 -6.23 -14.61 4.22
C LYS B 225 -5.99 -13.82 5.49
N TRP B 226 -7.01 -13.63 6.33
CA TRP B 226 -6.90 -12.76 7.50
C TRP B 226 -7.85 -13.26 8.56
N PRO B 227 -7.49 -14.36 9.23
CA PRO B 227 -8.44 -15.02 10.13
C PRO B 227 -9.02 -14.10 11.20
N LEU B 228 -8.19 -13.21 11.77
CA LEU B 228 -8.72 -12.33 12.81
C LEU B 228 -9.74 -11.36 12.24
N ALA B 229 -9.44 -10.76 11.08
CA ALA B 229 -10.40 -9.87 10.41
C ALA B 229 -11.68 -10.61 10.07
N PHE B 230 -11.57 -11.83 9.55
CA PHE B 230 -12.80 -12.55 9.26
C PHE B 230 -13.64 -12.72 10.53
N GLU B 231 -12.99 -13.02 11.65
CA GLU B 231 -13.73 -13.30 12.88
C GLU B 231 -14.48 -12.06 13.35
N LEU B 232 -13.82 -10.89 13.27
CA LEU B 232 -14.43 -9.65 13.76
C LEU B 232 -15.52 -9.16 12.82
N LEU B 233 -15.23 -9.09 11.52
CA LEU B 233 -16.21 -8.62 10.54
C LEU B 233 -17.37 -9.60 10.36
N ASN B 234 -17.12 -10.91 10.42
CA ASN B 234 -18.25 -11.83 10.31
C ASN B 234 -19.26 -11.62 11.44
N ASN B 235 -18.80 -11.19 12.62
CA ASN B 235 -19.73 -10.83 13.70
C ASN B 235 -19.70 -9.32 13.94
N CYS B 236 -19.86 -8.58 12.85
CA CYS B 236 -19.66 -7.14 12.87
C CYS B 236 -20.35 -6.48 14.06
N GLY B 237 -19.60 -5.64 14.76
CA GLY B 237 -20.13 -4.91 15.88
C GLY B 237 -19.98 -5.63 17.20
N GLY B 238 -19.37 -6.82 17.20
CA GLY B 238 -19.24 -7.59 18.41
C GLY B 238 -20.56 -8.09 18.94
N GLU B 239 -20.52 -8.52 20.21
CA GLU B 239 -21.68 -9.13 20.87
C GLU B 239 -22.91 -8.24 20.82
N ASN B 240 -22.75 -6.93 20.98
CA ASN B 240 -23.90 -6.03 20.97
C ASN B 240 -24.19 -5.41 19.62
N HIS B 241 -23.43 -5.73 18.59
CA HIS B 241 -23.74 -5.26 17.22
C HIS B 241 -23.76 -3.74 17.11
N GLU B 242 -22.71 -3.09 17.65
CA GLU B 242 -22.62 -1.65 17.71
C GLU B 242 -21.16 -1.26 17.58
N GLY B 243 -20.90 0.00 17.27
CA GLY B 243 -19.51 0.44 17.34
C GLY B 243 -19.42 1.84 16.78
N PHE B 244 -18.18 2.27 16.49
CA PHE B 244 -17.88 3.68 16.24
C PHE B 244 -17.92 4.03 14.78
N ILE B 245 -18.36 5.25 14.49
CA ILE B 245 -18.10 5.90 13.22
C ILE B 245 -16.71 6.52 13.25
N GLY B 246 -16.00 6.55 12.13
CA GLY B 246 -14.73 7.27 12.11
C GLY B 246 -14.27 7.46 10.68
N MET B 247 -13.05 7.99 10.54
CA MET B 247 -12.46 8.32 9.25
C MET B 247 -10.99 7.93 9.22
N GLN B 248 -10.50 7.69 8.00
CA GLN B 248 -9.23 7.02 7.77
C GLN B 248 -8.05 7.95 7.53
N ASP B 249 -6.96 7.67 8.23
CA ASP B 249 -5.65 8.22 7.88
C ASP B 249 -5.06 7.20 6.91
N ASN B 250 -5.13 7.51 5.62
CA ASN B 250 -4.38 6.76 4.61
C ASN B 250 -3.30 7.63 3.96
N GLY B 251 -2.76 8.58 4.72
CA GLY B 251 -1.65 9.41 4.29
C GLY B 251 -1.99 10.55 3.36
N ASP B 252 -3.26 10.84 3.06
CA ASP B 252 -3.59 11.84 2.05
C ASP B 252 -4.50 12.92 2.61
N ASP B 253 -4.36 14.14 2.11
CA ASP B 253 -5.27 15.23 2.47
C ASP B 253 -6.72 14.84 2.15
N VAL B 254 -7.61 15.01 3.12
CA VAL B 254 -9.04 14.78 2.89
C VAL B 254 -9.80 15.69 3.87
N TRP B 255 -11.04 16.05 3.50
CA TRP B 255 -11.84 16.98 4.30
C TRP B 255 -13.23 16.40 4.53
N PHE B 256 -13.78 16.63 5.71
CA PHE B 256 -15.07 16.14 6.15
C PHE B 256 -15.83 17.27 6.83
N ARG B 257 -17.14 17.39 6.53
CA ARG B 257 -17.92 18.48 7.09
C ARG B 257 -19.39 18.10 7.17
N ASN B 258 -20.13 18.91 7.94
CA ASN B 258 -21.58 18.71 8.09
C ASN B 258 -21.89 17.26 8.42
N ILE B 259 -21.30 16.80 9.52
CA ILE B 259 -21.37 15.40 9.95
C ILE B 259 -22.51 15.25 10.95
N ARG B 260 -23.51 14.46 10.60
CA ARG B 260 -24.72 14.36 11.40
C ARG B 260 -25.18 12.91 11.44
N VAL B 261 -25.77 12.50 12.55
CA VAL B 261 -26.18 11.12 12.72
C VAL B 261 -27.56 11.10 13.32
N LYS B 262 -28.44 10.30 12.75
CA LYS B 262 -29.77 10.10 13.33
C LYS B 262 -29.80 8.71 13.93
N VAL B 263 -30.20 8.62 15.18
CA VAL B 263 -30.41 7.34 15.86
C VAL B 263 -31.76 6.80 15.47
N LEU B 264 -31.79 5.56 14.93
CA LEU B 264 -33.02 5.11 14.23
C LEU B 264 -34.01 4.30 15.06
N ASP B 265 -33.65 3.79 16.24
CA ASP B 265 -34.61 3.10 17.15
C ASP B 265 -34.88 3.85 18.44
C4 A1IBU C . 19.41 -16.11 -3.36
C5 A1IBU C . 18.47 -16.43 -4.23
C6 A1IBU C . 17.69 -15.29 -4.85
C1 A1IBU C . 17.73 -13.95 -4.18
C2 A1IBU C . 19.03 -13.80 -3.35
C3 A1IBU C . 18.90 -12.54 -2.52
O1 A1IBU C . 17.68 -12.98 -5.21
O2 A1IBU C . 17.80 -12.61 -1.64
O3 A1IBU C . 19.22 -14.97 -2.53
O4 A1IBU C . 18.62 -17.63 -4.95
O5 A1IBU C . 17.09 -15.44 -5.88
H7 A1IBU C . 20.30 -16.73 -3.27
H2 A1IBU C . 16.90 -13.81 -3.50
H3 A1IBU C . 19.91 -13.71 -3.97
H4 A1IBU C . 18.74 -11.70 -3.19
H5 A1IBU C . 19.79 -12.39 -1.94
H1 A1IBU C . 18.18 -13.30 -5.95
H6 A1IBU C . 17.71 -13.50 -1.34
H8 A1IBU C . 17.81 -17.84 -5.39
C1 EDO D . 24.84 -11.34 7.83
O1 EDO D . 24.77 -11.50 9.26
C2 EDO D . 24.34 -12.58 7.11
O2 EDO D . 23.09 -12.93 7.73
H11 EDO D . 25.88 -11.14 7.54
H12 EDO D . 24.24 -10.47 7.53
HO1 EDO D . 24.07 -10.94 9.61
H21 EDO D . 25.06 -13.39 7.21
H22 EDO D . 24.20 -12.38 6.05
HO2 EDO D . 22.42 -12.30 7.45
CA CA E . 16.78 -13.71 -7.70
C4 A1IBU F . -5.71 -0.09 1.47
C5 A1IBU F . -6.52 0.53 0.65
C6 A1IBU F . -7.77 1.12 1.22
C1 A1IBU F . -8.36 0.48 2.45
C2 A1IBU F . -7.26 -0.24 3.26
C3 A1IBU F . -8.03 -1.14 4.23
O1 A1IBU F . -8.94 1.51 3.23
O2 A1IBU F . -8.61 -2.24 3.63
O3 A1IBU F . -6.32 -0.96 2.44
O4 A1IBU F . -5.98 1.22 -0.43
O5 A1IBU F . -8.28 2.09 0.72
H7 A1IBU F . -4.64 0.04 1.43
H2 A1IBU F . -9.11 -0.24 2.17
H3 A1IBU F . -6.62 0.45 3.79
H4 A1IBU F . -8.81 -0.54 4.69
H5 A1IBU F . -7.33 -1.48 5.00
H1 A1IBU F . -8.26 2.11 3.41
H6 A1IBU F . -8.90 -2.81 4.32
H8 A1IBU F . -5.46 0.62 -0.94
C1 EDO G . -2.32 -9.96 6.33
O1 EDO G . -3.01 -10.81 5.38
C2 EDO G . -2.43 -10.51 7.77
O2 EDO G . -2.10 -11.91 7.89
H11 EDO G . -2.75 -8.95 6.29
H12 EDO G . -1.27 -9.88 6.05
HO1 EDO G . -3.97 -10.65 5.43
H21 EDO G . -3.45 -10.36 8.12
H22 EDO G . -1.77 -9.93 8.42
HO2 EDO G . -2.31 -12.21 8.79
C1 GLC H . -0.46 22.17 11.50
C2 GLC H . -0.53 21.86 10.01
C3 GLC H . -0.72 20.42 9.68
C4 GLC H . 0.01 19.44 10.57
C5 GLC H . -0.23 19.71 12.07
C6 GLC H . 1.13 19.62 12.73
O1 GLC H . -1.24 23.25 11.81
O2 GLC H . -1.63 22.64 9.47
O3 GLC H . -0.22 20.30 8.31
O4 GLC H . -0.42 18.11 10.23
O5 GLC H . -0.91 20.99 12.33
O6 GLC H . 1.03 19.59 14.13
H1 GLC H . 0.56 22.43 11.75
H2 GLC H . 0.40 22.16 9.54
H3 GLC H . -1.75 20.15 9.79
H4 GLC H . 1.07 19.52 10.38
H5 GLC H . -0.88 18.97 12.51
H61 GLC H . 1.62 18.70 12.40
H62 GLC H . 1.72 20.47 12.43
HO1 GLC H . -1.77 23.48 11.08
HO2 GLC H . -2.07 22.17 8.78
HO3 GLC H . -0.18 19.39 8.05
HO4 GLC H . -1.36 18.06 10.24
HO6 GLC H . 0.16 19.30 14.36
CA CA I . -9.60 3.84 2.08
#